data_2D7T
#
_entry.id   2D7T
#
_cell.length_a   63.409
_cell.length_b   73.620
_cell.length_c   103.299
_cell.angle_alpha   90.00
_cell.angle_beta   90.00
_cell.angle_gamma   90.00
#
_symmetry.space_group_name_H-M   'I 2 2 2'
#
loop_
_entity.id
_entity.type
_entity.pdbx_description
1 polymer 'anti polyhydroxybutyrate antibody Fv, heavy chain'
2 polymer 'anti polyhydroxybutyrate antibody Fv, light chain'
3 water water
#
loop_
_entity_poly.entity_id
_entity_poly.type
_entity_poly.pdbx_seq_one_letter_code
_entity_poly.pdbx_strand_id
1 'polypeptide(L)'
;QVQLVQSGAEVKKPGASVKVSCKASGYTFTGNYMHWVRQAPGQGLEYMGWINPKSGDTNYAQKFQGRVTMTRDTSISTVY
MEVRRLRSDDTAVYYCATGWWGMDVWGQGTLVTVSSASEQKLISKEDLNGSAGHHHHHH
;
H
2 'polypeptide(L)'
;DIVMTQSPSSLSASVGDRVTITCRASQNINNYLHWYQHEPGKAPKLLIYAASNLQGGVTSRFSGSGSGTDFTLTISTLQP
EDFATYYCLQTHAYPLTFGGGTKVDIKRAAHHHHHH
;
L
#
# COMPACT_ATOMS: atom_id res chain seq x y z
N GLN A 1 16.46 -11.09 -5.23
CA GLN A 1 15.35 -11.90 -5.79
C GLN A 1 14.39 -12.37 -4.69
N VAL A 2 14.08 -11.47 -3.74
CA VAL A 2 12.95 -11.72 -2.84
C VAL A 2 11.69 -11.84 -3.69
N GLN A 3 10.87 -12.85 -3.40
CA GLN A 3 9.58 -12.99 -4.06
C GLN A 3 8.58 -13.40 -3.01
N LEU A 4 7.36 -12.89 -3.16
CA LEU A 4 6.24 -13.22 -2.28
C LEU A 4 5.11 -13.78 -3.15
N VAL A 5 4.67 -15.00 -2.86
CA VAL A 5 3.62 -15.66 -3.66
C VAL A 5 2.42 -15.87 -2.75
N GLN A 6 1.31 -15.24 -3.14
CA GLN A 6 0.08 -15.31 -2.37
C GLN A 6 -0.89 -16.38 -2.86
N SER A 7 -1.84 -16.74 -2.01
CA SER A 7 -2.86 -17.70 -2.36
C SER A 7 -3.92 -17.12 -3.30
N GLY A 8 -4.71 -18.00 -3.92
CA GLY A 8 -5.67 -17.49 -4.91
C GLY A 8 -6.96 -16.90 -4.38
N ALA A 9 -7.80 -16.46 -5.32
CA ALA A 9 -9.03 -15.75 -4.97
C ALA A 9 -9.95 -16.56 -4.07
N GLU A 10 -10.61 -15.87 -3.16
CA GLU A 10 -11.59 -16.49 -2.25
C GLU A 10 -12.95 -15.80 -2.31
N VAL A 11 -13.99 -16.60 -2.12
CA VAL A 11 -15.36 -16.09 -2.06
C VAL A 11 -15.97 -16.53 -0.73
N LYS A 12 -16.41 -15.57 0.07
CA LYS A 12 -16.87 -15.87 1.43
C LYS A 12 -18.21 -15.23 1.74
N LYS A 13 -19.01 -15.86 2.62
CA LYS A 13 -20.28 -15.29 3.04
C LYS A 13 -20.06 -14.30 4.15
N PRO A 14 -20.99 -13.36 4.34
CA PRO A 14 -20.85 -12.41 5.44
C PRO A 14 -20.71 -13.16 6.79
N GLY A 15 -19.80 -12.68 7.63
CA GLY A 15 -19.57 -13.29 8.93
C GLY A 15 -18.64 -14.47 8.92
N ALA A 16 -18.34 -15.01 7.73
CA ALA A 16 -17.26 -16.02 7.60
C ALA A 16 -15.88 -15.39 7.87
N SER A 17 -14.86 -16.24 7.94
CA SER A 17 -13.50 -15.77 8.01
C SER A 17 -12.78 -16.26 6.76
N VAL A 18 -11.68 -15.57 6.48
CA VAL A 18 -10.80 -15.96 5.39
C VAL A 18 -9.37 -15.95 5.92
N LYS A 19 -8.55 -16.89 5.45
CA LYS A 19 -7.12 -16.85 5.80
C LYS A 19 -6.30 -16.88 4.54
N VAL A 20 -5.65 -15.77 4.27
CA VAL A 20 -4.85 -15.60 3.06
C VAL A 20 -3.38 -15.90 3.38
N SER A 21 -2.68 -16.51 2.44
CA SER A 21 -1.27 -16.84 2.64
C SER A 21 -0.33 -16.03 1.74
N CYS A 22 0.91 -15.95 2.20
CA CYS A 22 2.00 -15.23 1.56
C CYS A 22 3.29 -16.03 1.81
N LYS A 23 3.78 -16.70 0.77
CA LYS A 23 5.01 -17.52 0.87
C LYS A 23 6.21 -16.74 0.33
N ALA A 24 7.22 -16.61 1.18
CA ALA A 24 8.40 -15.81 0.90
C ALA A 24 9.56 -16.69 0.45
N SER A 25 10.37 -16.14 -0.46
CA SER A 25 11.61 -16.78 -0.85
C SER A 25 12.68 -15.74 -1.19
N GLY A 26 13.95 -16.15 -1.13
CA GLY A 26 15.06 -15.27 -1.52
C GLY A 26 15.68 -14.39 -0.43
N TYR A 27 15.31 -14.61 0.83
CA TYR A 27 15.89 -13.88 1.96
C TYR A 27 15.66 -14.71 3.21
N THR A 28 16.40 -14.37 4.27
CA THR A 28 16.18 -15.00 5.58
C THR A 28 14.81 -14.60 6.15
N PHE A 29 13.93 -15.59 6.21
CA PHE A 29 12.51 -15.35 6.41
C PHE A 29 12.22 -14.66 7.75
N THR A 30 12.88 -15.11 8.81
CA THR A 30 12.66 -14.57 10.15
C THR A 30 13.33 -13.20 10.34
N GLY A 31 14.07 -12.76 9.32
CA GLY A 31 14.84 -11.52 9.37
C GLY A 31 14.05 -10.25 9.11
N ASN A 32 12.96 -10.36 8.37
CA ASN A 32 12.19 -9.17 7.99
C ASN A 32 10.77 -9.22 8.53
N TYR A 33 10.20 -8.08 8.90
CA TYR A 33 8.78 -8.06 9.21
C TYR A 33 7.98 -8.28 7.90
N MET A 34 6.78 -8.85 8.04
CA MET A 34 5.81 -8.96 6.92
C MET A 34 4.63 -8.02 7.15
N HIS A 35 4.28 -7.22 6.13
CA HIS A 35 3.14 -6.29 6.23
C HIS A 35 2.00 -6.74 5.33
N TRP A 36 0.79 -6.36 5.71
CA TRP A 36 -0.38 -6.52 4.86
C TRP A 36 -1.06 -5.20 4.61
N VAL A 37 -1.53 -5.05 3.35
CA VAL A 37 -2.28 -3.86 2.91
C VAL A 37 -3.47 -4.32 2.08
N ARG A 38 -4.59 -3.57 2.05
CA ARG A 38 -5.64 -3.95 1.11
C ARG A 38 -6.16 -2.76 0.33
N GLN A 39 -6.95 -3.05 -0.69
CA GLN A 39 -7.60 -1.98 -1.43
C GLN A 39 -8.99 -2.49 -1.85
N ALA A 40 -10.02 -1.88 -1.28
CA ALA A 40 -11.41 -2.29 -1.54
C ALA A 40 -11.96 -1.35 -2.60
N PRO A 41 -12.86 -1.84 -3.47
CA PRO A 41 -13.41 -1.05 -4.60
C PRO A 41 -13.91 0.32 -4.16
N GLY A 42 -13.37 1.38 -4.79
CA GLY A 42 -13.75 2.74 -4.50
C GLY A 42 -12.99 3.41 -3.39
N GLN A 43 -12.20 2.64 -2.64
CA GLN A 43 -11.54 3.12 -1.43
C GLN A 43 -10.01 3.20 -1.54
N GLY A 44 -9.43 3.97 -0.62
CA GLY A 44 -8.00 4.15 -0.56
C GLY A 44 -7.28 2.88 -0.12
N LEU A 45 -6.11 2.62 -0.66
CA LEU A 45 -5.16 1.65 -0.10
C LEU A 45 -5.09 1.79 1.42
N GLU A 46 -5.21 0.67 2.12
CA GLU A 46 -5.05 0.80 3.55
C GLU A 46 -4.19 -0.23 4.23
N TYR A 47 -3.33 0.30 5.08
CA TYR A 47 -2.39 -0.53 5.83
C TYR A 47 -3.11 -1.33 6.89
N MET A 48 -2.78 -2.63 7.00
CA MET A 48 -3.50 -3.48 7.94
C MET A 48 -2.67 -3.81 9.18
N GLY A 49 -1.40 -4.04 9.00
CA GLY A 49 -0.57 -4.40 10.16
C GLY A 49 0.63 -5.23 9.76
N TRP A 50 1.33 -5.73 10.79
CA TRP A 50 2.58 -6.44 10.56
C TRP A 50 2.74 -7.60 11.54
N ILE A 51 3.58 -8.54 11.13
CA ILE A 51 3.99 -9.66 11.98
C ILE A 51 5.52 -9.78 11.90
N ASN A 52 6.15 -10.01 13.06
CA ASN A 52 7.55 -10.35 13.11
C ASN A 52 7.63 -11.88 13.08
N PRO A 53 8.10 -12.47 11.98
CA PRO A 53 8.12 -13.94 11.86
C PRO A 53 9.10 -14.60 12.81
N LYS A 54 10.08 -13.84 13.33
CA LYS A 54 11.00 -14.41 14.33
C LYS A 54 10.25 -14.76 15.60
N SER A 55 9.53 -13.82 16.16
CA SER A 55 8.89 -13.98 17.45
C SER A 55 7.42 -14.31 17.37
N GLY A 56 6.82 -14.02 16.22
CA GLY A 56 5.38 -14.06 16.08
C GLY A 56 4.66 -12.83 16.65
N ASP A 57 5.41 -11.79 17.07
CA ASP A 57 4.81 -10.56 17.61
C ASP A 57 4.09 -9.90 16.44
N THR A 58 2.97 -9.27 16.74
CA THR A 58 2.17 -8.56 15.74
C THR A 58 1.73 -7.21 16.27
N ASN A 59 1.34 -6.33 15.33
CA ASN A 59 0.51 -5.18 15.69
C ASN A 59 -0.32 -4.80 14.49
N TYR A 60 -1.56 -4.44 14.75
CA TYR A 60 -2.50 -4.17 13.69
C TYR A 60 -2.83 -2.69 13.73
N ALA A 61 -3.10 -2.13 12.55
CA ALA A 61 -3.68 -0.79 12.47
C ALA A 61 -4.94 -0.79 13.28
N GLN A 62 -5.26 0.34 13.90
CA GLN A 62 -6.37 0.41 14.83
C GLN A 62 -7.68 -0.15 14.28
N LYS A 63 -7.97 0.18 13.03
CA LYS A 63 -9.18 -0.25 12.31
C LYS A 63 -9.42 -1.77 12.34
N PHE A 64 -8.35 -2.55 12.46
CA PHE A 64 -8.42 -4.01 12.31
C PHE A 64 -8.18 -4.78 13.59
N GLN A 65 -7.77 -4.03 14.62
CA GLN A 65 -7.45 -4.63 15.90
C GLN A 65 -8.68 -5.39 16.42
N GLY A 66 -8.48 -6.68 16.67
CA GLY A 66 -9.52 -7.54 17.22
C GLY A 66 -10.28 -8.36 16.19
N ARG A 67 -9.96 -8.15 14.91
CA ARG A 67 -10.69 -8.80 13.83
C ARG A 67 -9.71 -9.50 12.86
N VAL A 68 -8.45 -9.13 12.97
CA VAL A 68 -7.41 -9.59 12.05
C VAL A 68 -6.37 -10.30 12.93
N THR A 69 -5.94 -11.49 12.51
CA THR A 69 -4.84 -12.18 13.18
C THR A 69 -3.81 -12.62 12.15
N MET A 70 -2.54 -12.25 12.38
CA MET A 70 -1.47 -12.75 11.54
C MET A 70 -0.67 -13.85 12.26
N THR A 71 -0.32 -14.87 11.51
CA THR A 71 0.52 -15.97 12.01
C THR A 71 1.56 -16.33 10.95
N ARG A 72 2.51 -17.16 11.34
CA ARG A 72 3.48 -17.64 10.36
C ARG A 72 3.82 -19.11 10.64
N ASP A 73 4.24 -19.78 9.58
CA ASP A 73 4.78 -21.15 9.67
C ASP A 73 6.18 -21.05 9.10
N THR A 74 7.16 -21.07 9.99
CA THR A 74 8.51 -20.94 9.58
C THR A 74 9.03 -22.12 8.70
N SER A 75 8.46 -23.30 8.90
CA SER A 75 8.91 -24.49 8.16
C SER A 75 8.69 -24.33 6.63
N ILE A 76 7.79 -23.40 6.26
CA ILE A 76 7.44 -23.18 4.85
C ILE A 76 7.52 -21.70 4.47
N SER A 77 8.20 -20.91 5.31
CA SER A 77 8.40 -19.48 5.04
C SER A 77 7.09 -18.81 4.59
N THR A 78 6.01 -19.13 5.29
CA THR A 78 4.70 -18.52 4.98
C THR A 78 4.09 -17.71 6.12
N VAL A 79 3.58 -16.54 5.78
CA VAL A 79 2.82 -15.72 6.70
C VAL A 79 1.34 -15.80 6.29
N TYR A 80 0.44 -15.82 7.28
CA TYR A 80 -1.01 -15.86 7.04
C TYR A 80 -1.64 -14.66 7.65
N MET A 81 -2.70 -14.16 7.00
CA MET A 81 -3.59 -13.18 7.64
C MET A 81 -4.99 -13.69 7.60
N GLU A 82 -5.56 -13.82 8.78
CA GLU A 82 -6.96 -14.27 8.93
C GLU A 82 -7.81 -13.07 9.28
N VAL A 83 -8.84 -12.83 8.47
CA VAL A 83 -9.76 -11.73 8.71
C VAL A 83 -11.08 -12.39 9.07
N ARG A 84 -11.61 -11.96 10.21
CA ARG A 84 -12.85 -12.49 10.73
C ARG A 84 -13.98 -11.47 10.54
N ARG A 85 -15.19 -11.93 10.78
CA ARG A 85 -16.40 -11.10 10.83
C ARG A 85 -16.56 -10.36 9.49
N LEU A 86 -16.42 -11.11 8.39
CA LEU A 86 -16.33 -10.45 7.03
C LEU A 86 -17.63 -9.74 6.71
N ARG A 87 -17.52 -8.59 6.08
CA ARG A 87 -18.70 -7.83 5.63
C ARG A 87 -18.37 -7.32 4.21
N SER A 88 -19.35 -6.71 3.52
CA SER A 88 -19.09 -6.20 2.17
C SER A 88 -17.89 -5.25 2.08
N ASP A 89 -17.62 -4.50 3.16
CA ASP A 89 -16.50 -3.58 3.24
C ASP A 89 -15.16 -4.28 3.10
N ASP A 90 -15.14 -5.61 3.31
CA ASP A 90 -13.91 -6.39 3.25
C ASP A 90 -13.61 -7.00 1.87
N THR A 91 -14.55 -6.90 0.91
CA THR A 91 -14.25 -7.27 -0.47
C THR A 91 -13.16 -6.36 -0.96
N ALA A 92 -12.05 -6.93 -1.35
CA ALA A 92 -10.83 -6.13 -1.58
C ALA A 92 -9.73 -7.03 -2.15
N VAL A 93 -8.71 -6.41 -2.73
CA VAL A 93 -7.46 -7.13 -3.00
C VAL A 93 -6.49 -6.93 -1.84
N TYR A 94 -5.95 -8.04 -1.33
CA TYR A 94 -5.09 -8.01 -0.11
C TYR A 94 -3.69 -8.30 -0.57
N TYR A 95 -2.72 -7.50 -0.11
CA TYR A 95 -1.33 -7.64 -0.54
C TYR A 95 -0.47 -7.89 0.67
N CYS A 96 0.52 -8.76 0.53
CA CYS A 96 1.59 -8.79 1.54
C CYS A 96 2.79 -8.08 0.97
N ALA A 97 3.68 -7.62 1.88
CA ALA A 97 4.90 -6.93 1.45
C ALA A 97 5.95 -7.06 2.53
N THR A 98 7.22 -7.06 2.13
CA THR A 98 8.29 -7.16 3.12
C THR A 98 9.44 -6.24 2.74
N GLY A 99 10.35 -6.07 3.71
CA GLY A 99 11.53 -5.23 3.52
C GLY A 99 12.34 -5.29 4.80
N TRP A 100 13.54 -4.71 4.79
CA TRP A 100 14.30 -4.52 6.02
C TRP A 100 13.46 -3.74 7.05
N TRP A 101 12.67 -2.78 6.56
CA TRP A 101 11.88 -1.88 7.43
C TRP A 101 10.52 -1.53 6.79
N GLY A 102 10.54 -1.18 5.53
CA GLY A 102 9.31 -0.75 4.90
C GLY A 102 8.77 -1.84 4.02
N MET A 103 7.96 -1.43 3.07
CA MET A 103 7.34 -2.39 2.15
C MET A 103 8.01 -2.34 0.77
N ASP A 104 9.11 -3.09 0.64
CA ASP A 104 10.01 -3.01 -0.52
C ASP A 104 9.61 -3.91 -1.67
N VAL A 105 9.09 -5.09 -1.32
CA VAL A 105 8.71 -6.09 -2.31
C VAL A 105 7.29 -6.52 -1.97
N TRP A 106 6.45 -6.63 -3.00
CA TRP A 106 5.01 -6.91 -2.85
C TRP A 106 4.65 -8.26 -3.45
N GLY A 107 3.71 -8.95 -2.81
CA GLY A 107 3.08 -10.10 -3.42
C GLY A 107 2.16 -9.68 -4.53
N GLN A 108 1.58 -10.66 -5.22
CA GLN A 108 0.77 -10.36 -6.41
C GLN A 108 -0.69 -9.94 -6.11
N GLY A 109 -1.08 -10.00 -4.84
CA GLY A 109 -2.47 -9.77 -4.43
C GLY A 109 -3.32 -11.03 -4.40
N THR A 110 -4.30 -10.99 -3.51
CA THR A 110 -5.34 -12.01 -3.36
C THR A 110 -6.69 -11.31 -3.30
N LEU A 111 -7.60 -11.62 -4.21
CA LEU A 111 -8.96 -11.08 -4.17
C LEU A 111 -9.82 -11.86 -3.20
N VAL A 112 -10.49 -11.15 -2.29
CA VAL A 112 -11.53 -11.78 -1.44
C VAL A 112 -12.82 -11.09 -1.76
N THR A 113 -13.85 -11.87 -2.08
CA THR A 113 -15.17 -11.26 -2.41
C THR A 113 -16.18 -11.76 -1.39
N VAL A 114 -16.81 -10.83 -0.67
CA VAL A 114 -17.79 -11.20 0.35
C VAL A 114 -19.18 -11.10 -0.27
N SER A 115 -19.82 -12.26 -0.44
CA SER A 115 -21.03 -12.29 -1.24
C SER A 115 -22.11 -12.99 -0.46
N SER A 116 -23.24 -12.29 -0.38
CA SER A 116 -24.49 -12.79 0.20
C SER A 116 -24.87 -14.19 -0.32
N ASP B 1 -1.01 7.58 16.31
CA ASP B 1 -0.47 7.16 14.98
C ASP B 1 -0.24 8.39 14.12
N ILE B 2 0.55 8.26 13.06
CA ILE B 2 0.81 9.40 12.17
C ILE B 2 -0.29 9.43 11.11
N VAL B 3 -0.93 10.59 10.95
CA VAL B 3 -2.03 10.72 9.96
C VAL B 3 -1.46 11.46 8.77
N MET B 4 -1.66 10.91 7.55
CA MET B 4 -1.16 11.57 6.35
C MET B 4 -2.36 12.14 5.60
N THR B 5 -2.45 13.46 5.49
CA THR B 5 -3.60 14.08 4.79
C THR B 5 -3.18 14.38 3.37
N GLN B 6 -3.84 13.76 2.39
CA GLN B 6 -3.40 13.87 1.00
C GLN B 6 -4.45 14.69 0.22
N SER B 7 -3.96 15.57 -0.65
CA SER B 7 -4.88 16.40 -1.44
C SER B 7 -4.34 16.66 -2.85
N PRO B 8 -5.20 16.87 -3.84
CA PRO B 8 -6.64 16.60 -3.85
C PRO B 8 -6.96 15.11 -3.61
N SER B 9 -8.18 14.79 -3.22
CA SER B 9 -8.53 13.40 -3.13
C SER B 9 -8.88 12.84 -4.53
N SER B 10 -9.27 13.74 -5.44
CA SER B 10 -9.52 13.37 -6.84
C SER B 10 -9.32 14.61 -7.69
N LEU B 11 -8.90 14.41 -8.93
CA LEU B 11 -8.76 15.55 -9.88
C LEU B 11 -8.89 15.03 -11.29
N SER B 12 -9.35 15.93 -12.19
CA SER B 12 -9.39 15.60 -13.63
C SER B 12 -8.46 16.57 -14.32
N ALA B 13 -7.62 16.06 -15.23
CA ALA B 13 -6.69 16.94 -15.96
C ALA B 13 -6.55 16.33 -17.36
N SER B 14 -5.78 17.01 -18.19
CA SER B 14 -5.63 16.58 -19.57
C SER B 14 -4.16 16.37 -19.85
N VAL B 15 -3.90 15.61 -20.89
CA VAL B 15 -2.54 15.30 -21.28
C VAL B 15 -1.82 16.58 -21.56
N GLY B 16 -0.65 16.70 -20.94
CA GLY B 16 0.27 17.82 -21.07
C GLY B 16 0.21 18.80 -19.89
N ASP B 17 -0.78 18.62 -19.02
CA ASP B 17 -0.91 19.41 -17.80
C ASP B 17 0.14 19.01 -16.74
N ARG B 18 0.52 20.01 -15.93
CA ARG B 18 1.25 19.73 -14.72
C ARG B 18 0.26 19.28 -13.64
N VAL B 19 0.60 18.24 -12.89
CA VAL B 19 -0.27 17.85 -11.76
C VAL B 19 0.55 18.00 -10.49
N THR B 20 -0.07 18.57 -9.46
CA THR B 20 0.58 18.82 -8.15
C THR B 20 -0.28 18.18 -7.05
N ILE B 21 0.33 17.24 -6.28
CA ILE B 21 -0.39 16.49 -5.25
C ILE B 21 0.39 16.69 -3.92
N THR B 22 -0.32 16.90 -2.81
CA THR B 22 0.36 17.16 -1.52
C THR B 22 0.04 16.12 -0.49
N CYS B 23 0.97 15.92 0.43
CA CYS B 23 0.63 15.18 1.65
C CYS B 23 1.20 15.94 2.82
N ARG B 24 0.36 16.06 3.83
CA ARG B 24 0.77 16.72 5.09
C ARG B 24 0.78 15.67 6.17
N ALA B 25 1.86 15.63 6.96
CA ALA B 25 2.01 14.68 8.06
C ALA B 25 1.57 15.36 9.37
N SER B 26 0.98 14.58 10.27
CA SER B 26 0.43 15.10 11.54
C SER B 26 1.54 15.45 12.51
N GLN B 27 2.71 14.87 12.31
CA GLN B 27 3.92 15.24 13.05
C GLN B 27 5.10 15.14 12.12
N ASN B 28 6.23 15.71 12.52
CA ASN B 28 7.43 15.69 11.70
C ASN B 28 7.88 14.28 11.38
N ILE B 29 8.06 14.00 10.08
CA ILE B 29 8.54 12.67 9.63
C ILE B 29 9.83 12.76 8.81
N ASN B 30 10.51 13.91 8.93
CA ASN B 30 11.80 14.14 8.27
C ASN B 30 11.64 13.89 6.76
N ASN B 31 12.40 12.95 6.20
CA ASN B 31 12.25 12.63 4.78
C ASN B 31 11.69 11.24 4.53
N TYR B 32 11.05 10.66 5.54
CA TYR B 32 10.60 9.27 5.48
C TYR B 32 9.19 9.19 4.86
N LEU B 33 9.13 9.51 3.56
CA LEU B 33 7.88 9.69 2.85
C LEU B 33 8.13 9.20 1.42
N HIS B 34 7.27 8.29 0.96
CA HIS B 34 7.41 7.73 -0.40
C HIS B 34 6.14 7.96 -1.16
N TRP B 35 6.29 7.98 -2.48
CA TRP B 35 5.11 8.14 -3.36
C TRP B 35 4.93 6.91 -4.23
N TYR B 36 3.69 6.39 -4.27
CA TYR B 36 3.29 5.22 -5.05
C TYR B 36 2.27 5.57 -6.11
N GLN B 37 2.29 4.81 -7.20
CA GLN B 37 1.25 4.86 -8.21
C GLN B 37 0.49 3.53 -8.08
N HIS B 38 -0.84 3.60 -8.11
CA HIS B 38 -1.65 2.40 -8.05
C HIS B 38 -2.65 2.31 -9.19
N GLU B 39 -2.52 1.25 -9.96
CA GLU B 39 -3.56 0.90 -10.95
C GLU B 39 -4.31 -0.30 -10.38
N PRO B 40 -5.63 -0.19 -10.09
CA PRO B 40 -6.40 -1.29 -9.47
C PRO B 40 -6.19 -2.58 -10.24
N GLY B 41 -5.83 -3.66 -9.55
CA GLY B 41 -5.41 -4.89 -10.19
C GLY B 41 -3.91 -5.16 -10.27
N LYS B 42 -3.06 -4.24 -9.83
CA LYS B 42 -1.60 -4.45 -9.79
C LYS B 42 -1.15 -4.04 -8.42
N ALA B 43 -0.02 -4.54 -7.93
CA ALA B 43 0.49 -4.06 -6.66
C ALA B 43 0.87 -2.59 -6.85
N PRO B 44 0.83 -1.79 -5.78
CA PRO B 44 1.33 -0.41 -5.86
C PRO B 44 2.75 -0.37 -6.40
N LYS B 45 3.05 0.64 -7.19
CA LYS B 45 4.38 0.81 -7.78
C LYS B 45 5.09 1.99 -7.13
N LEU B 46 6.26 1.74 -6.54
CA LEU B 46 7.02 2.83 -5.92
C LEU B 46 7.55 3.80 -6.99
N LEU B 47 7.31 5.10 -6.82
CA LEU B 47 7.85 6.11 -7.73
C LEU B 47 9.01 6.91 -7.17
N ILE B 48 8.85 7.36 -5.93
CA ILE B 48 9.76 8.29 -5.26
C ILE B 48 9.98 7.73 -3.86
N TYR B 49 11.25 7.59 -3.46
CA TYR B 49 11.55 7.21 -2.10
C TYR B 49 12.30 8.31 -1.37
N ALA B 50 12.10 8.34 -0.06
CA ALA B 50 12.72 9.31 0.86
C ALA B 50 12.57 10.74 0.34
N ALA B 51 11.31 11.02 -0.01
CA ALA B 51 10.80 12.32 -0.39
C ALA B 51 11.12 12.84 -1.79
N SER B 52 12.33 12.59 -2.30
CA SER B 52 12.79 13.28 -3.53
C SER B 52 13.58 12.39 -4.47
N ASN B 53 13.80 11.14 -4.08
CA ASN B 53 14.61 10.21 -4.87
C ASN B 53 13.79 9.44 -5.89
N LEU B 54 14.06 9.70 -7.18
CA LEU B 54 13.38 8.99 -8.25
C LEU B 54 13.85 7.55 -8.34
N GLN B 55 12.88 6.63 -8.27
CA GLN B 55 13.15 5.21 -8.39
C GLN B 55 13.69 4.78 -9.75
N GLY B 56 14.69 3.91 -9.71
CA GLY B 56 15.21 3.34 -10.94
C GLY B 56 14.11 2.83 -11.87
N GLY B 57 14.14 3.29 -13.11
CA GLY B 57 13.21 2.82 -14.11
C GLY B 57 11.92 3.62 -14.20
N VAL B 58 11.75 4.58 -13.30
CA VAL B 58 10.55 5.42 -13.33
C VAL B 58 10.84 6.72 -14.12
N THR B 59 9.87 7.14 -14.92
CA THR B 59 10.01 8.36 -15.72
C THR B 59 10.34 9.58 -14.89
N SER B 60 11.26 10.43 -15.38
CA SER B 60 11.60 11.63 -14.64
C SER B 60 10.49 12.69 -14.71
N ARG B 61 9.36 12.39 -15.35
CA ARG B 61 8.23 13.31 -15.27
C ARG B 61 7.68 13.37 -13.84
N PHE B 62 7.96 12.34 -13.03
CA PHE B 62 7.56 12.37 -11.62
C PHE B 62 8.70 12.96 -10.80
N SER B 63 8.37 13.85 -9.87
CA SER B 63 9.36 14.33 -8.91
C SER B 63 8.72 14.60 -7.55
N GLY B 64 9.51 14.38 -6.51
CA GLY B 64 9.04 14.60 -5.15
C GLY B 64 9.85 15.69 -4.47
N SER B 65 9.18 16.44 -3.62
CA SER B 65 9.85 17.49 -2.87
C SER B 65 9.22 17.64 -1.49
N GLY B 66 9.89 18.42 -0.63
CA GLY B 66 9.39 18.62 0.71
C GLY B 66 10.16 17.84 1.77
N SER B 67 9.93 18.21 3.03
CA SER B 67 10.47 17.51 4.18
C SER B 67 9.65 17.89 5.39
N GLY B 68 9.80 17.13 6.47
CA GLY B 68 9.19 17.52 7.74
C GLY B 68 7.73 17.12 7.77
N THR B 69 6.83 18.05 7.38
CA THR B 69 5.40 17.71 7.39
C THR B 69 4.70 18.01 6.08
N ASP B 70 5.42 18.57 5.12
CA ASP B 70 4.78 19.09 3.91
C ASP B 70 5.51 18.53 2.70
N PHE B 71 4.82 17.68 1.93
CA PHE B 71 5.45 17.00 0.81
C PHE B 71 4.61 17.17 -0.45
N THR B 72 5.29 17.27 -1.58
CA THR B 72 4.60 17.41 -2.86
C THR B 72 5.08 16.39 -3.88
N LEU B 73 4.14 15.82 -4.64
CA LEU B 73 4.47 15.01 -5.79
C LEU B 73 4.06 15.79 -7.01
N THR B 74 4.98 15.98 -7.95
CA THR B 74 4.65 16.74 -9.17
C THR B 74 4.77 15.82 -10.39
N ILE B 75 3.76 15.85 -11.26
CA ILE B 75 3.88 15.18 -12.55
C ILE B 75 4.07 16.29 -13.57
N SER B 76 5.19 16.29 -14.28
CA SER B 76 5.53 17.50 -15.07
C SER B 76 4.62 17.75 -16.24
N THR B 77 4.33 16.67 -16.95
CA THR B 77 3.51 16.74 -18.15
C THR B 77 2.71 15.45 -18.14
N LEU B 78 1.42 15.53 -17.86
CA LEU B 78 0.57 14.36 -17.66
C LEU B 78 0.45 13.54 -18.94
N GLN B 79 0.55 12.23 -18.83
CA GLN B 79 0.41 11.36 -20.01
C GLN B 79 -0.74 10.40 -19.77
N PRO B 80 -1.32 9.82 -20.83
CA PRO B 80 -2.46 8.91 -20.62
C PRO B 80 -2.17 7.74 -19.66
N GLU B 81 -0.96 7.19 -19.69
CA GLU B 81 -0.58 6.06 -18.85
C GLU B 81 -0.43 6.45 -17.36
N ASP B 82 -0.63 7.73 -17.06
CA ASP B 82 -0.59 8.21 -15.65
C ASP B 82 -1.95 8.02 -14.98
N PHE B 83 -2.98 7.61 -15.74
CA PHE B 83 -4.32 7.32 -15.18
C PHE B 83 -4.18 6.28 -14.07
N ALA B 84 -4.39 6.71 -12.83
CA ALA B 84 -4.04 5.88 -11.67
C ALA B 84 -4.41 6.66 -10.43
N THR B 85 -4.25 6.01 -9.29
CA THR B 85 -4.46 6.70 -8.02
C THR B 85 -3.08 6.73 -7.36
N TYR B 86 -2.69 7.92 -6.88
CA TYR B 86 -1.34 8.12 -6.31
C TYR B 86 -1.48 8.21 -4.84
N TYR B 87 -0.45 7.69 -4.12
CA TYR B 87 -0.47 7.69 -2.64
C TYR B 87 0.86 8.08 -2.10
N CYS B 88 0.83 8.86 -1.02
CA CYS B 88 2.03 8.96 -0.19
C CYS B 88 1.97 7.87 0.90
N LEU B 89 3.15 7.48 1.38
CA LEU B 89 3.26 6.48 2.45
C LEU B 89 4.36 6.98 3.40
N GLN B 90 4.03 7.18 4.67
CA GLN B 90 5.11 7.54 5.65
C GLN B 90 5.73 6.27 6.15
N THR B 91 7.06 6.28 6.31
CA THR B 91 7.75 5.13 6.92
C THR B 91 8.60 5.63 8.09
N HIS B 92 8.19 6.76 8.66
CA HIS B 92 8.89 7.26 9.85
C HIS B 92 8.67 6.28 11.03
N ALA B 93 7.47 5.75 11.14
CA ALA B 93 7.11 4.88 12.26
C ALA B 93 6.01 3.88 11.94
N TYR B 94 6.00 2.75 12.63
CA TYR B 94 4.85 1.86 12.59
C TYR B 94 3.77 2.36 13.58
N PRO B 95 2.48 2.18 13.26
CA PRO B 95 2.03 1.57 11.99
C PRO B 95 2.30 2.49 10.79
N LEU B 96 2.71 1.90 9.68
CA LEU B 96 2.86 2.65 8.44
C LEU B 96 1.48 3.21 8.03
N THR B 97 1.48 4.34 7.33
CA THR B 97 0.20 4.97 7.00
C THR B 97 0.28 5.58 5.61
N PHE B 98 -0.72 5.25 4.83
CA PHE B 98 -0.93 5.88 3.53
C PHE B 98 -1.76 7.13 3.65
N GLY B 99 -1.47 8.09 2.79
CA GLY B 99 -2.45 9.14 2.56
C GLY B 99 -3.71 8.56 1.90
N GLY B 100 -4.75 9.40 1.82
CA GLY B 100 -6.05 8.95 1.36
C GLY B 100 -6.12 8.75 -0.15
N GLY B 101 -5.04 9.11 -0.85
CA GLY B 101 -4.94 8.87 -2.28
C GLY B 101 -5.37 10.08 -3.10
N THR B 102 -4.87 10.15 -4.34
CA THR B 102 -5.40 11.11 -5.33
C THR B 102 -5.77 10.33 -6.59
N LYS B 103 -7.06 10.28 -6.90
CA LYS B 103 -7.52 9.57 -8.12
C LYS B 103 -7.37 10.56 -9.25
N VAL B 104 -6.47 10.28 -10.18
CA VAL B 104 -6.22 11.18 -11.31
C VAL B 104 -6.97 10.66 -12.52
N ASP B 105 -7.97 11.43 -12.96
CA ASP B 105 -8.81 11.12 -14.13
C ASP B 105 -8.23 11.89 -15.30
N ILE B 106 -8.23 11.29 -16.49
CA ILE B 106 -7.70 11.98 -17.67
C ILE B 106 -8.84 12.33 -18.61
N LYS B 107 -8.98 13.64 -18.84
CA LYS B 107 -10.07 14.20 -19.64
C LYS B 107 -9.54 14.59 -21.00
N ARG B 108 -10.37 14.45 -22.02
CA ARG B 108 -9.99 14.95 -23.33
C ARG B 108 -9.91 16.47 -23.38
N ALA B 109 -8.82 16.99 -23.93
CA ALA B 109 -8.83 18.35 -24.46
C ALA B 109 -9.70 18.25 -25.71
N ALA B 110 -9.36 17.28 -26.58
CA ALA B 110 -10.11 16.93 -27.79
C ALA B 110 -11.51 16.36 -27.50
#